data_8VM8
#
_entry.id   8VM8
#
_cell.length_a   145.990
_cell.length_b   80.370
_cell.length_c   87.340
_cell.angle_alpha   90.000
_cell.angle_beta   111.170
_cell.angle_gamma   90.000
#
_symmetry.space_group_name_H-M   'C 1 2 1'
#
loop_
_entity.id
_entity.type
_entity.pdbx_description
1 polymer 'RNA (93-MER)'
2 polymer 'Heavy Chain of Fab BL3-6'
3 polymer 'Light Chain of Fab BL3-6'
4 water water
#
loop_
_entity_poly.entity_id
_entity_poly.type
_entity_poly.pdbx_seq_one_letter_code
_entity_poly.pdbx_strand_id
1 'polyribonucleotide'
;GGUAAAACAGCCUGUGGGUUGAUCCCACCCACAGGGCCCAUUGGGCGCUAGCACUCUGGUAUGAAACACGUACCUUUGUG
CGCCUGUUUUACC
;
R
2 'polypeptide(L)'
;EISEVQLVESGGGLVQPGGSLRLSCAASGFYISYSSIHWVRQAPGKGLEWVASISPYSGSTYYADSVKGRFTISADTSKN
TAYLQMNSLRAEDTAVYYCARQGYRRRSGRGFDYWGQGTLVTVSSASTKGPSVFPLAPSSKSTSGGTAALGCLVKDYFPE
PVTVSWNSGALTSGVHTFPAVLQSSGLYSLSSVVTVPSSSLGTQTYICNVNHKPSNTKVDKKVEPKSCDKHT
;
H
3 'polypeptide(L)'
;SDIQMTQSPSSLSASVGDRVTITCRASQSVSSAVAWYQQKPGKAPKLLIYSASSLYSGVPSRFSGSRSGTDFTLTISSLQ
PEDFATYYCQQSYSFPSTFGQGTKVEIKRTVAAPSVFIFPPSDEQLKSGTASVVCLLNNFYPREAKVQWKVDNALQSGNS
QESVTEQDSKDSTYSLSSTLTLSKADYEKHKVYACEVTHQGLSSPVTKSFNRGEC
;
L
#
# COMPACT_ATOMS: atom_id res chain seq x y z
N SER B 3 -5.08 -4.81 -23.94
CA SER B 3 -3.94 -5.14 -24.79
C SER B 3 -3.87 -6.63 -25.04
N GLU B 4 -3.29 -7.01 -26.19
CA GLU B 4 -3.19 -8.43 -26.51
C GLU B 4 -2.12 -9.11 -25.66
N VAL B 5 -1.00 -8.43 -25.41
CA VAL B 5 0.08 -9.01 -24.62
C VAL B 5 -0.32 -8.99 -23.15
N GLN B 6 -0.26 -10.14 -22.51
CA GLN B 6 -0.63 -10.25 -21.09
C GLN B 6 0.27 -11.25 -20.40
N LEU B 7 0.60 -10.97 -19.13
CA LEU B 7 1.22 -11.93 -18.24
C LEU B 7 0.29 -12.11 -17.04
N VAL B 8 0.09 -13.35 -16.61
CA VAL B 8 -0.80 -13.63 -15.49
C VAL B 8 -0.08 -14.50 -14.49
N GLU B 9 0.23 -13.95 -13.31
CA GLU B 9 0.82 -14.72 -12.23
C GLU B 9 -0.26 -15.49 -11.48
N SER B 10 0.10 -16.69 -11.03
CA SER B 10 -0.77 -17.46 -10.15
C SER B 10 0.10 -18.30 -9.21
N GLY B 11 -0.56 -18.92 -8.23
CA GLY B 11 0.14 -19.75 -7.27
C GLY B 11 0.49 -19.09 -5.96
N GLY B 12 0.15 -17.82 -5.77
CA GLY B 12 0.43 -17.14 -4.52
C GLY B 12 -0.49 -17.63 -3.42
N GLY B 13 -0.28 -17.09 -2.23
CA GLY B 13 -1.11 -17.43 -1.10
C GLY B 13 -0.27 -17.57 0.14
N LEU B 14 -0.85 -18.21 1.14
CA LEU B 14 -0.23 -18.38 2.45
C LEU B 14 0.72 -19.58 2.45
N VAL B 15 1.86 -19.43 3.11
CA VAL B 15 2.81 -20.52 3.30
C VAL B 15 3.49 -20.34 4.66
N GLN B 16 3.78 -21.44 5.32
CA GLN B 16 4.46 -21.39 6.60
C GLN B 16 5.94 -21.07 6.41
N PRO B 17 6.58 -20.46 7.42
CA PRO B 17 8.03 -20.24 7.33
C PRO B 17 8.75 -21.56 7.15
N GLY B 18 9.70 -21.57 6.22
CA GLY B 18 10.37 -22.79 5.83
C GLY B 18 9.65 -23.60 4.76
N GLY B 19 8.44 -23.21 4.37
CA GLY B 19 7.68 -23.94 3.38
C GLY B 19 8.09 -23.59 1.95
N SER B 20 7.37 -24.18 1.00
CA SER B 20 7.64 -23.99 -0.42
C SER B 20 6.38 -23.56 -1.16
N LEU B 21 6.56 -22.79 -2.22
CA LEU B 21 5.51 -22.41 -3.15
C LEU B 21 6.08 -22.35 -4.55
N ARG B 22 5.29 -22.73 -5.55
CA ARG B 22 5.66 -22.50 -6.94
C ARG B 22 4.69 -21.49 -7.56
N LEU B 23 5.23 -20.38 -8.05
CA LEU B 23 4.47 -19.40 -8.81
C LEU B 23 4.53 -19.71 -10.30
N SER B 24 3.46 -19.40 -11.01
CA SER B 24 3.38 -19.56 -12.46
C SER B 24 3.13 -18.22 -13.10
N CYS B 25 3.66 -18.04 -14.32
CA CYS B 25 3.48 -16.81 -15.08
C CYS B 25 3.05 -17.24 -16.48
N ALA B 26 1.75 -17.15 -16.77
CA ALA B 26 1.21 -17.59 -18.05
C ALA B 26 1.17 -16.42 -19.03
N ALA B 27 1.79 -16.59 -20.19
CA ALA B 27 1.86 -15.51 -21.16
C ALA B 27 0.75 -15.67 -22.19
N SER B 28 0.19 -14.55 -22.63
CA SER B 28 -0.76 -14.53 -23.73
C SER B 28 -0.39 -13.41 -24.69
N GLY B 29 -0.67 -13.62 -25.99
CA GLY B 29 -0.42 -12.60 -26.97
C GLY B 29 1.00 -12.50 -27.46
N PHE B 30 1.90 -13.31 -26.90
CA PHE B 30 3.28 -13.40 -27.35
C PHE B 30 3.81 -14.74 -26.84
N TYR B 31 4.93 -15.17 -27.43
CA TYR B 31 5.62 -16.39 -27.00
C TYR B 31 6.85 -16.03 -26.19
N ILE B 32 6.95 -16.60 -24.99
CA ILE B 32 8.07 -16.27 -24.11
C ILE B 32 9.40 -16.76 -24.67
N SER B 33 9.39 -17.69 -25.63
CA SER B 33 10.66 -18.24 -26.09
C SER B 33 11.52 -17.21 -26.83
N TYR B 34 10.97 -16.08 -27.23
CA TYR B 34 11.76 -15.05 -27.90
C TYR B 34 12.22 -13.94 -26.96
N SER B 35 11.97 -14.08 -25.66
CA SER B 35 12.15 -13.00 -24.69
C SER B 35 12.88 -13.50 -23.45
N SER B 36 13.53 -12.58 -22.73
CA SER B 36 13.86 -12.82 -21.32
C SER B 36 12.64 -12.55 -20.44
N ILE B 37 12.45 -13.38 -19.42
CA ILE B 37 11.36 -13.24 -18.47
C ILE B 37 11.96 -13.01 -17.09
N HIS B 38 11.39 -12.07 -16.32
CA HIS B 38 11.93 -11.70 -15.02
C HIS B 38 10.86 -11.80 -13.95
N TRP B 39 11.31 -12.03 -12.71
CA TRP B 39 10.43 -11.91 -11.54
C TRP B 39 10.91 -10.74 -10.70
N VAL B 40 9.96 -9.90 -10.28
CA VAL B 40 10.23 -8.72 -9.46
C VAL B 40 9.21 -8.73 -8.34
N ARG B 41 9.63 -8.43 -7.11
CA ARG B 41 8.67 -8.48 -6.01
C ARG B 41 8.64 -7.16 -5.26
N GLN B 42 7.57 -6.99 -4.47
CA GLN B 42 7.34 -5.74 -3.76
C GLN B 42 6.70 -6.05 -2.43
N ALA B 43 7.44 -5.88 -1.34
CA ALA B 43 6.83 -6.06 -0.04
C ALA B 43 5.82 -4.95 0.22
N PRO B 44 4.82 -5.18 1.08
CA PRO B 44 3.78 -4.16 1.31
C PRO B 44 4.38 -2.84 1.75
N GLY B 45 4.05 -1.78 1.01
CA GLY B 45 4.53 -0.46 1.30
C GLY B 45 5.98 -0.18 0.95
N LYS B 46 6.66 -1.10 0.29
CA LYS B 46 8.09 -0.96 -0.01
C LYS B 46 8.31 -0.86 -1.52
N GLY B 47 9.58 -0.85 -1.93
CA GLY B 47 9.94 -0.68 -3.32
C GLY B 47 10.06 -1.98 -4.09
N LEU B 48 10.32 -1.83 -5.39
CA LEU B 48 10.52 -2.98 -6.26
C LEU B 48 11.88 -3.63 -5.97
N GLU B 49 11.89 -4.97 -5.94
CA GLU B 49 13.12 -5.74 -5.73
C GLU B 49 13.21 -6.78 -6.83
N TRP B 50 14.22 -6.68 -7.68
CA TRP B 50 14.41 -7.70 -8.71
C TRP B 50 14.78 -9.02 -8.06
N VAL B 51 14.20 -10.12 -8.56
CA VAL B 51 14.32 -11.44 -7.96
C VAL B 51 15.13 -12.40 -8.83
N ALA B 52 14.74 -12.56 -10.10
CA ALA B 52 15.35 -13.61 -10.92
C ALA B 52 14.99 -13.36 -12.38
N SER B 53 15.75 -13.99 -13.27
CA SER B 53 15.44 -13.91 -14.71
C SER B 53 15.95 -15.13 -15.43
N ILE B 54 15.39 -15.35 -16.63
CA ILE B 54 15.80 -16.46 -17.46
C ILE B 54 15.90 -15.95 -18.89
N SER B 55 17.00 -16.30 -19.55
CA SER B 55 17.37 -15.81 -20.88
C SER B 55 16.82 -16.74 -21.96
N PRO B 56 16.44 -16.18 -23.11
CA PRO B 56 15.99 -17.02 -24.21
C PRO B 56 17.16 -17.77 -24.85
N TYR B 57 16.82 -18.90 -25.48
CA TYR B 57 17.67 -19.74 -26.33
C TYR B 57 18.77 -20.48 -25.59
N SER B 58 19.22 -19.95 -24.45
CA SER B 58 20.20 -20.64 -23.63
C SER B 58 19.59 -21.22 -22.37
N GLY B 59 18.50 -20.63 -21.89
CA GLY B 59 17.95 -21.00 -20.61
C GLY B 59 18.77 -20.54 -19.43
N SER B 60 19.74 -19.66 -19.64
CA SER B 60 20.57 -19.18 -18.53
C SER B 60 19.72 -18.44 -17.50
N THR B 61 20.06 -18.63 -16.21
CA THR B 61 19.28 -18.05 -15.13
C THR B 61 20.16 -17.19 -14.24
N TYR B 62 19.54 -16.17 -13.65
CA TYR B 62 20.20 -15.19 -12.79
C TYR B 62 19.31 -14.91 -11.58
N TYR B 63 19.94 -14.63 -10.44
CA TYR B 63 19.22 -14.49 -9.18
C TYR B 63 19.77 -13.33 -8.35
N ALA B 64 18.86 -12.70 -7.61
CA ALA B 64 19.27 -11.74 -6.59
C ALA B 64 19.94 -12.48 -5.45
N ASP B 65 20.92 -11.82 -4.82
CA ASP B 65 21.59 -12.43 -3.68
C ASP B 65 20.61 -12.82 -2.58
N SER B 66 19.54 -12.04 -2.42
CA SER B 66 18.56 -12.27 -1.36
C SER B 66 17.80 -13.58 -1.50
N VAL B 67 17.78 -14.18 -2.69
CA VAL B 67 17.06 -15.43 -2.94
C VAL B 67 17.95 -16.53 -3.46
N LYS B 68 19.25 -16.26 -3.66
CA LYS B 68 20.17 -17.25 -4.20
C LYS B 68 20.16 -18.52 -3.36
N GLY B 69 20.05 -19.67 -4.04
CA GLY B 69 20.04 -20.95 -3.38
C GLY B 69 18.68 -21.42 -2.88
N ARG B 70 17.69 -20.52 -2.80
CA ARG B 70 16.36 -20.89 -2.36
C ARG B 70 15.32 -20.86 -3.46
N PHE B 71 15.49 -19.99 -4.45
CA PHE B 71 14.54 -19.82 -5.54
C PHE B 71 15.14 -20.37 -6.83
N THR B 72 14.28 -20.92 -7.69
CA THR B 72 14.68 -21.39 -9.01
C THR B 72 13.68 -20.88 -10.04
N ILE B 73 14.17 -20.17 -11.06
CA ILE B 73 13.31 -19.71 -12.14
C ILE B 73 13.43 -20.72 -13.29
N SER B 74 12.33 -20.91 -14.01
CA SER B 74 12.34 -21.81 -15.17
C SER B 74 11.28 -21.36 -16.16
N ALA B 75 11.32 -21.94 -17.36
CA ALA B 75 10.33 -21.59 -18.37
C ALA B 75 10.03 -22.82 -19.22
N ASP B 76 8.77 -22.96 -19.63
CA ASP B 76 8.32 -24.08 -20.46
C ASP B 76 7.87 -23.48 -21.79
N THR B 77 8.62 -23.77 -22.86
CA THR B 77 8.30 -23.25 -24.18
C THR B 77 6.93 -23.71 -24.64
N SER B 78 6.64 -24.99 -24.50
CA SER B 78 5.39 -25.55 -25.02
C SER B 78 4.18 -25.01 -24.27
N LYS B 79 4.30 -24.79 -22.97
CA LYS B 79 3.18 -24.26 -22.20
C LYS B 79 3.15 -22.73 -22.21
N ASN B 80 4.18 -22.08 -22.75
CA ASN B 80 4.28 -20.62 -22.80
C ASN B 80 4.11 -20.02 -21.41
N THR B 81 4.81 -20.62 -20.46
CA THR B 81 4.64 -20.29 -19.04
C THR B 81 6.00 -20.31 -18.36
N ALA B 82 6.23 -19.32 -17.48
CA ALA B 82 7.43 -19.26 -16.66
C ALA B 82 7.05 -19.56 -15.22
N TYR B 83 8.05 -19.95 -14.42
CA TYR B 83 7.79 -20.42 -13.07
C TYR B 83 8.82 -19.85 -12.09
N LEU B 84 8.41 -19.72 -10.84
CA LEU B 84 9.35 -19.40 -9.77
C LEU B 84 9.10 -20.40 -8.65
N GLN B 85 10.01 -21.35 -8.48
CA GLN B 85 9.97 -22.27 -7.37
C GLN B 85 10.67 -21.62 -6.18
N MET B 86 9.96 -21.51 -5.06
CA MET B 86 10.47 -20.82 -3.88
C MET B 86 10.51 -21.80 -2.72
N ASN B 87 11.71 -22.08 -2.21
CA ASN B 87 11.90 -22.94 -1.05
C ASN B 87 12.42 -22.14 0.13
N SER B 88 12.34 -22.76 1.31
CA SER B 88 12.89 -22.16 2.54
C SER B 88 12.39 -20.73 2.72
N LEU B 89 11.09 -20.53 2.54
CA LEU B 89 10.54 -19.19 2.60
C LEU B 89 10.61 -18.63 4.03
N ARG B 90 10.78 -17.32 4.12
CA ARG B 90 10.84 -16.60 5.38
C ARG B 90 9.84 -15.45 5.34
N ALA B 91 9.55 -14.90 6.53
CA ALA B 91 8.58 -13.82 6.64
C ALA B 91 8.92 -12.67 5.70
N GLU B 92 10.21 -12.38 5.54
CA GLU B 92 10.62 -11.24 4.72
C GLU B 92 10.44 -11.49 3.23
N ASP B 93 10.09 -12.70 2.83
CA ASP B 93 9.72 -12.94 1.43
C ASP B 93 8.26 -12.58 1.15
N THR B 94 7.48 -12.21 2.17
CA THR B 94 6.13 -11.73 1.95
C THR B 94 6.15 -10.55 0.99
N ALA B 95 5.38 -10.64 -0.10
CA ALA B 95 5.42 -9.61 -1.12
C ALA B 95 4.42 -9.97 -2.21
N VAL B 96 4.07 -8.95 -2.99
CA VAL B 96 3.47 -9.17 -4.31
C VAL B 96 4.59 -9.55 -5.28
N TYR B 97 4.40 -10.66 -6.00
CA TYR B 97 5.38 -11.14 -6.96
C TYR B 97 4.85 -10.87 -8.36
N TYR B 98 5.62 -10.09 -9.12
CA TYR B 98 5.33 -9.77 -10.52
C TYR B 98 6.19 -10.59 -11.46
N CYS B 99 5.58 -11.03 -12.55
CA CYS B 99 6.26 -11.51 -13.74
C CYS B 99 6.36 -10.35 -14.72
N ALA B 100 7.52 -10.20 -15.39
CA ALA B 100 7.69 -9.10 -16.34
C ALA B 100 8.43 -9.58 -17.58
N ARG B 101 8.01 -9.09 -18.74
CA ARG B 101 8.71 -9.36 -19.98
C ARG B 101 9.77 -8.28 -20.21
N GLN B 102 11.01 -8.71 -20.37
CA GLN B 102 12.00 -7.80 -20.94
C GLN B 102 11.66 -7.68 -22.42
N GLY B 103 11.47 -6.46 -22.91
CA GLY B 103 11.01 -6.25 -24.28
C GLY B 103 12.07 -6.57 -25.34
N TYR B 104 11.74 -6.23 -26.58
CA TYR B 104 12.64 -6.51 -27.70
C TYR B 104 13.74 -5.47 -27.78
N ARG B 105 14.98 -5.94 -27.96
CA ARG B 105 16.16 -5.08 -27.88
C ARG B 105 16.04 -3.85 -28.79
N ARG B 106 15.63 -4.05 -30.05
CA ARG B 106 15.58 -2.93 -30.99
C ARG B 106 14.51 -1.91 -30.60
N ARG B 107 13.48 -2.33 -29.89
CA ARG B 107 12.31 -1.49 -29.62
C ARG B 107 12.39 -0.78 -28.28
N SER B 108 12.89 -1.46 -27.25
CA SER B 108 12.90 -0.88 -25.91
C SER B 108 14.14 -1.28 -25.12
N GLY B 109 15.22 -1.64 -25.79
CA GLY B 109 16.46 -1.96 -25.08
C GLY B 109 16.26 -3.11 -24.11
N ARG B 110 16.72 -2.91 -22.85
CA ARG B 110 16.51 -3.89 -21.79
C ARG B 110 15.34 -3.53 -20.87
N GLY B 111 14.53 -2.53 -21.24
CA GLY B 111 13.38 -2.18 -20.43
C GLY B 111 12.39 -3.33 -20.33
N PHE B 112 11.65 -3.36 -19.21
CA PHE B 112 10.62 -4.38 -19.00
C PHE B 112 9.31 -3.75 -19.47
N ASP B 113 8.82 -4.16 -20.66
CA ASP B 113 7.72 -3.43 -21.26
C ASP B 113 6.33 -3.95 -20.87
N TYR B 114 6.21 -5.17 -20.38
CA TYR B 114 4.92 -5.69 -19.92
C TYR B 114 5.08 -6.37 -18.58
N TRP B 115 4.12 -6.14 -17.69
CA TRP B 115 4.12 -6.66 -16.33
C TRP B 115 2.78 -7.31 -16.06
N GLY B 116 2.77 -8.37 -15.27
CA GLY B 116 1.54 -8.93 -14.77
C GLY B 116 0.96 -8.07 -13.66
N GLN B 117 -0.23 -8.47 -13.19
CA GLN B 117 -0.87 -7.76 -12.08
C GLN B 117 -0.24 -8.11 -10.74
N GLY B 118 0.52 -9.20 -10.68
CA GLY B 118 1.18 -9.65 -9.48
C GLY B 118 0.30 -10.55 -8.63
N THR B 119 0.95 -11.37 -7.80
CA THR B 119 0.25 -12.29 -6.92
C THR B 119 0.86 -12.21 -5.52
N LEU B 120 0.01 -12.15 -4.50
CA LEU B 120 0.48 -11.95 -3.15
C LEU B 120 0.90 -13.27 -2.50
N VAL B 121 2.10 -13.28 -1.94
CA VAL B 121 2.63 -14.42 -1.18
C VAL B 121 2.82 -13.94 0.24
N THR B 122 2.21 -14.64 1.19
CA THR B 122 2.31 -14.30 2.61
C THR B 122 3.00 -15.44 3.33
N VAL B 123 4.14 -15.17 3.96
CA VAL B 123 4.86 -16.18 4.70
C VAL B 123 4.69 -15.88 6.18
N SER B 124 4.00 -16.76 6.89
CA SER B 124 3.65 -16.53 8.29
C SER B 124 3.23 -17.84 8.92
N SER B 125 3.40 -17.92 10.24
CA SER B 125 2.90 -19.09 10.94
C SER B 125 1.41 -18.96 11.28
N ALA B 126 0.82 -17.80 11.03
CA ALA B 126 -0.59 -17.60 11.35
C ALA B 126 -1.48 -18.45 10.45
N SER B 127 -2.66 -18.79 10.97
CA SER B 127 -3.64 -19.56 10.21
C SER B 127 -4.71 -18.63 9.64
N THR B 128 -5.29 -19.05 8.53
CA THR B 128 -6.36 -18.27 7.90
C THR B 128 -7.50 -18.05 8.89
N LYS B 129 -8.00 -16.83 8.93
CA LYS B 129 -9.01 -16.46 9.91
C LYS B 129 -9.78 -15.26 9.38
N GLY B 130 -11.10 -15.34 9.42
CA GLY B 130 -11.94 -14.22 9.04
C GLY B 130 -12.01 -13.16 10.12
N PRO B 131 -12.37 -11.94 9.73
CA PRO B 131 -12.35 -10.83 10.67
C PRO B 131 -13.54 -10.79 11.62
N SER B 132 -13.31 -10.17 12.77
CA SER B 132 -14.39 -9.69 13.61
C SER B 132 -14.64 -8.24 13.25
N VAL B 133 -15.90 -7.90 12.99
CA VAL B 133 -16.26 -6.55 12.57
C VAL B 133 -17.02 -5.87 13.71
N PHE B 134 -16.50 -4.72 14.17
CA PHE B 134 -17.12 -3.96 15.23
C PHE B 134 -17.50 -2.57 14.74
N PRO B 135 -18.60 -2.01 15.22
CA PRO B 135 -18.99 -0.67 14.79
C PRO B 135 -18.11 0.40 15.44
N LEU B 136 -17.93 1.49 14.71
CA LEU B 136 -17.42 2.75 15.22
C LEU B 136 -18.61 3.70 15.17
N ALA B 137 -19.36 3.76 16.27
CA ALA B 137 -20.64 4.46 16.24
C ALA B 137 -20.43 5.97 16.16
N PRO B 138 -21.35 6.69 15.51
CA PRO B 138 -21.32 8.15 15.55
C PRO B 138 -21.84 8.65 16.88
N SER B 139 -21.67 9.96 17.10
CA SER B 139 -22.31 10.62 18.23
C SER B 139 -22.62 12.05 17.84
N SER B 140 -23.62 12.63 18.52
CA SER B 140 -23.92 14.05 18.34
C SER B 140 -22.89 14.92 19.07
N LYS B 141 -22.31 14.40 20.14
CA LYS B 141 -21.25 15.09 20.88
C LYS B 141 -19.91 15.05 20.16
N SER B 142 -19.80 14.30 19.05
CA SER B 142 -18.56 14.18 18.31
C SER B 142 -18.83 14.64 16.87
N THR B 143 -18.72 15.95 16.66
CA THR B 143 -19.07 16.56 15.38
C THR B 143 -17.99 17.54 14.96
N SER B 144 -17.80 17.63 13.64
CA SER B 144 -17.03 18.69 13.00
C SER B 144 -18.04 19.54 12.24
N GLY B 145 -18.56 20.58 12.92
CA GLY B 145 -19.67 21.33 12.40
C GLY B 145 -20.95 20.52 12.39
N GLY B 146 -21.54 20.34 11.20
CA GLY B 146 -22.71 19.50 11.05
C GLY B 146 -22.34 18.14 10.49
N THR B 147 -21.08 17.77 10.63
CA THR B 147 -20.55 16.53 10.09
C THR B 147 -20.19 15.56 11.21
N ALA B 148 -20.73 14.35 11.13
CA ALA B 148 -20.41 13.26 12.03
C ALA B 148 -19.56 12.23 11.31
N ALA B 149 -18.94 11.35 12.08
CA ALA B 149 -18.12 10.29 11.52
C ALA B 149 -18.53 8.96 12.14
N LEU B 150 -18.48 7.90 11.33
CA LEU B 150 -18.80 6.56 11.80
C LEU B 150 -17.96 5.58 10.98
N GLY B 151 -17.99 4.31 11.37
CA GLY B 151 -17.16 3.37 10.65
C GLY B 151 -17.32 1.95 11.13
N CYS B 152 -16.41 1.10 10.63
CA CYS B 152 -16.30 -0.30 11.00
C CYS B 152 -14.85 -0.63 11.28
N LEU B 153 -14.60 -1.29 12.41
CA LEU B 153 -13.28 -1.80 12.74
C LEU B 153 -13.22 -3.28 12.35
N VAL B 154 -12.30 -3.61 11.45
CA VAL B 154 -12.21 -4.95 10.85
C VAL B 154 -10.98 -5.60 11.47
N LYS B 155 -11.18 -6.42 12.50
CA LYS B 155 -10.07 -6.81 13.36
C LYS B 155 -9.75 -8.31 13.26
N ASP B 156 -8.45 -8.61 13.29
CA ASP B 156 -7.95 -9.95 13.57
C ASP B 156 -8.29 -10.93 12.44
N TYR B 157 -7.88 -10.56 11.22
CA TYR B 157 -8.06 -11.44 10.08
C TYR B 157 -6.69 -11.80 9.50
N PHE B 158 -6.66 -12.89 8.73
CA PHE B 158 -5.43 -13.33 8.11
C PHE B 158 -5.74 -14.26 6.96
N PRO B 159 -5.04 -14.17 5.82
CA PRO B 159 -4.06 -13.14 5.44
C PRO B 159 -4.76 -11.95 4.81
N GLU B 160 -4.02 -11.00 4.26
CA GLU B 160 -4.59 -10.01 3.37
C GLU B 160 -5.15 -10.71 2.14
N PRO B 161 -6.09 -10.09 1.43
CA PRO B 161 -6.72 -8.79 1.65
C PRO B 161 -8.15 -8.92 2.12
N VAL B 162 -8.73 -7.80 2.52
CA VAL B 162 -10.16 -7.69 2.75
C VAL B 162 -10.66 -6.53 1.92
N THR B 163 -11.94 -6.55 1.58
CA THR B 163 -12.59 -5.43 0.94
C THR B 163 -13.69 -4.91 1.85
N VAL B 164 -13.91 -3.60 1.82
CA VAL B 164 -15.01 -2.97 2.54
C VAL B 164 -15.77 -2.09 1.57
N SER B 165 -17.09 -2.24 1.56
CA SER B 165 -17.96 -1.24 0.95
C SER B 165 -18.99 -0.79 1.98
N TRP B 166 -19.72 0.26 1.62
CA TRP B 166 -20.76 0.84 2.46
C TRP B 166 -22.09 0.84 1.71
N ASN B 167 -23.14 0.35 2.38
CA ASN B 167 -24.47 0.29 1.77
C ASN B 167 -24.42 -0.40 0.40
N SER B 168 -23.64 -1.47 0.33
CA SER B 168 -23.46 -2.32 -0.86
C SER B 168 -22.90 -1.53 -2.06
N GLY B 169 -22.03 -0.58 -1.79
CA GLY B 169 -21.45 0.26 -2.83
C GLY B 169 -22.25 1.50 -3.16
N ALA B 170 -23.42 1.69 -2.57
CA ALA B 170 -24.19 2.90 -2.82
C ALA B 170 -23.60 4.13 -2.13
N LEU B 171 -22.80 3.95 -1.09
CA LEU B 171 -22.19 5.06 -0.36
C LEU B 171 -20.69 5.06 -0.64
N THR B 172 -20.22 6.11 -1.32
CA THR B 172 -18.82 6.21 -1.71
C THR B 172 -18.19 7.52 -1.25
N SER B 173 -18.98 8.59 -1.26
CA SER B 173 -18.45 9.91 -0.90
C SER B 173 -18.07 9.94 0.58
N GLY B 174 -16.88 10.45 0.86
CA GLY B 174 -16.44 10.60 2.24
C GLY B 174 -15.94 9.32 2.90
N VAL B 175 -15.89 8.22 2.17
CA VAL B 175 -15.40 6.95 2.70
C VAL B 175 -13.88 6.94 2.66
N HIS B 176 -13.27 6.54 3.78
CA HIS B 176 -11.83 6.26 3.84
C HIS B 176 -11.65 4.87 4.42
N THR B 177 -11.13 3.94 3.63
CA THR B 177 -10.77 2.62 4.10
C THR B 177 -9.25 2.56 4.23
N PHE B 178 -8.77 2.35 5.44
CA PHE B 178 -7.36 2.53 5.72
C PHE B 178 -6.57 1.29 5.36
N PRO B 179 -5.28 1.45 5.03
CA PRO B 179 -4.40 0.29 4.91
C PRO B 179 -4.40 -0.51 6.19
N ALA B 180 -4.38 -1.83 6.04
CA ALA B 180 -4.28 -2.70 7.21
C ALA B 180 -2.93 -2.51 7.88
N VAL B 181 -2.89 -2.78 9.18
CA VAL B 181 -1.65 -2.92 9.94
C VAL B 181 -1.53 -4.37 10.36
N LEU B 182 -0.30 -4.88 10.35
CA LEU B 182 -0.03 -6.20 10.90
C LEU B 182 0.19 -6.06 12.40
N GLN B 183 -0.64 -6.72 13.19
CA GLN B 183 -0.55 -6.62 14.64
C GLN B 183 0.52 -7.58 15.16
N SER B 184 0.95 -7.37 16.41
CA SER B 184 1.96 -8.24 16.99
C SER B 184 1.49 -9.68 17.10
N SER B 185 0.18 -9.90 17.13
CA SER B 185 -0.39 -11.24 17.14
C SER B 185 -0.19 -11.98 15.83
N GLY B 186 0.26 -11.30 14.78
CA GLY B 186 0.36 -11.88 13.45
C GLY B 186 -0.90 -11.73 12.62
N LEU B 187 -1.93 -11.08 13.14
CA LEU B 187 -3.19 -10.88 12.45
C LEU B 187 -3.31 -9.43 12.02
N TYR B 188 -4.07 -9.20 10.96
CA TYR B 188 -4.24 -7.84 10.44
C TYR B 188 -5.45 -7.17 11.05
N SER B 189 -5.45 -5.84 10.99
CA SER B 189 -6.61 -5.07 11.38
C SER B 189 -6.68 -3.79 10.55
N LEU B 190 -7.89 -3.38 10.19
CA LEU B 190 -8.05 -2.08 9.55
C LEU B 190 -9.37 -1.48 9.96
N SER B 191 -9.49 -0.17 9.73
CA SER B 191 -10.74 0.54 9.92
C SER B 191 -11.18 1.12 8.59
N SER B 192 -12.48 1.29 8.47
CA SER B 192 -13.10 1.99 7.34
C SER B 192 -14.07 2.99 7.94
N VAL B 193 -13.96 4.25 7.53
CA VAL B 193 -14.80 5.29 8.12
C VAL B 193 -15.51 6.05 7.02
N VAL B 194 -16.52 6.81 7.43
CA VAL B 194 -17.20 7.73 6.52
C VAL B 194 -17.70 8.90 7.35
N THR B 195 -17.64 10.09 6.77
CA THR B 195 -18.20 11.28 7.38
C THR B 195 -19.53 11.60 6.69
N VAL B 196 -20.57 11.87 7.48
CA VAL B 196 -21.92 12.08 6.98
C VAL B 196 -22.52 13.27 7.72
N PRO B 197 -23.64 13.83 7.25
CA PRO B 197 -24.32 14.88 8.03
C PRO B 197 -24.81 14.37 9.37
N SER B 198 -24.67 15.21 10.40
CA SER B 198 -25.18 14.87 11.72
C SER B 198 -26.70 14.70 11.70
N SER B 199 -27.40 15.58 10.97
CA SER B 199 -28.86 15.52 10.93
C SER B 199 -29.38 14.24 10.31
N SER B 200 -28.55 13.54 9.53
CA SER B 200 -28.96 12.29 8.89
C SER B 200 -28.98 11.11 9.86
N LEU B 201 -28.31 11.22 11.01
CA LEU B 201 -28.00 10.04 11.82
C LEU B 201 -29.26 9.31 12.26
N GLY B 202 -30.36 10.03 12.50
CA GLY B 202 -31.57 9.38 12.96
C GLY B 202 -32.34 8.65 11.87
N THR B 203 -32.22 9.09 10.62
CA THR B 203 -33.04 8.58 9.54
C THR B 203 -32.27 7.76 8.51
N GLN B 204 -30.99 7.99 8.33
CA GLN B 204 -30.20 7.33 7.30
C GLN B 204 -29.48 6.12 7.90
N THR B 205 -29.60 4.97 7.24
CA THR B 205 -28.95 3.75 7.69
C THR B 205 -27.57 3.57 7.03
N TYR B 206 -26.63 3.02 7.81
CA TYR B 206 -25.26 2.80 7.35
C TYR B 206 -24.87 1.35 7.64
N ILE B 207 -24.44 0.63 6.60
CA ILE B 207 -24.01 -0.76 6.72
C ILE B 207 -22.66 -0.89 6.05
N CYS B 208 -21.66 -1.42 6.76
CA CYS B 208 -20.40 -1.74 6.11
C CYS B 208 -20.43 -3.22 5.68
N ASN B 209 -19.99 -3.48 4.45
CA ASN B 209 -19.96 -4.83 3.88
C ASN B 209 -18.50 -5.26 3.80
N VAL B 210 -18.13 -6.23 4.63
CA VAL B 210 -16.74 -6.69 4.73
C VAL B 210 -16.66 -8.07 4.09
N ASN B 211 -15.72 -8.23 3.16
CA ASN B 211 -15.52 -9.52 2.50
C ASN B 211 -14.07 -9.94 2.64
N HIS B 212 -13.85 -11.14 3.17
CA HIS B 212 -12.51 -11.69 3.35
C HIS B 212 -12.45 -12.98 2.56
N LYS B 213 -12.08 -12.87 1.29
CA LYS B 213 -12.09 -14.04 0.41
C LYS B 213 -11.23 -15.19 0.93
N PRO B 214 -10.04 -14.99 1.50
CA PRO B 214 -9.25 -16.16 1.94
C PRO B 214 -9.98 -17.07 2.91
N SER B 215 -10.88 -16.55 3.74
CA SER B 215 -11.65 -17.37 4.66
C SER B 215 -13.10 -17.60 4.21
N ASN B 216 -13.46 -17.14 3.01
CA ASN B 216 -14.85 -17.22 2.53
C ASN B 216 -15.82 -16.57 3.52
N THR B 217 -15.40 -15.44 4.08
CA THR B 217 -16.16 -14.72 5.10
C THR B 217 -16.74 -13.45 4.50
N LYS B 218 -18.04 -13.24 4.70
CA LYS B 218 -18.68 -11.98 4.38
C LYS B 218 -19.48 -11.52 5.59
N VAL B 219 -19.27 -10.28 6.03
CA VAL B 219 -19.96 -9.71 7.19
C VAL B 219 -20.60 -8.40 6.76
N ASP B 220 -21.88 -8.25 7.07
CA ASP B 220 -22.57 -6.97 6.95
C ASP B 220 -22.87 -6.47 8.36
N LYS B 221 -22.36 -5.28 8.69
CA LYS B 221 -22.51 -4.73 10.04
C LYS B 221 -23.24 -3.39 9.95
N LYS B 222 -24.41 -3.31 10.58
CA LYS B 222 -25.13 -2.05 10.67
C LYS B 222 -24.47 -1.17 11.75
N VAL B 223 -24.21 0.09 11.41
CA VAL B 223 -23.58 1.03 12.33
C VAL B 223 -24.62 2.09 12.69
N GLU B 224 -24.96 2.16 13.96
CA GLU B 224 -26.04 2.99 14.46
C GLU B 224 -25.54 3.87 15.59
N PRO B 225 -26.20 5.01 15.83
CA PRO B 225 -25.96 5.73 17.08
C PRO B 225 -26.31 4.85 18.27
N LYS B 226 -25.58 5.04 19.37
CA LYS B 226 -25.91 4.34 20.59
C LYS B 226 -27.33 4.66 21.03
N SER B 227 -28.01 3.67 21.62
CA SER B 227 -29.44 3.79 21.91
C SER B 227 -29.73 4.96 22.85
N CYS B 228 -28.76 5.33 23.70
CA CYS B 228 -28.92 6.47 24.59
C CYS B 228 -28.84 7.81 23.87
N ASP B 229 -28.33 7.83 22.64
CA ASP B 229 -28.10 9.06 21.90
C ASP B 229 -29.36 9.53 21.18
N SER C 1 30.56 -7.55 -7.13
CA SER C 1 29.91 -6.59 -6.24
C SER C 1 28.69 -5.99 -6.95
N ASP C 2 27.53 -6.03 -6.30
CA ASP C 2 26.28 -5.62 -6.93
C ASP C 2 26.27 -4.11 -7.15
N ILE C 3 25.72 -3.68 -8.28
CA ILE C 3 25.67 -2.26 -8.59
C ILE C 3 24.54 -1.59 -7.82
N GLN C 4 24.86 -0.54 -7.08
CA GLN C 4 23.85 0.22 -6.34
C GLN C 4 23.27 1.31 -7.22
N MET C 5 21.98 1.59 -7.02
CA MET C 5 21.30 2.67 -7.72
C MET C 5 20.67 3.54 -6.64
N THR C 6 21.28 4.68 -6.35
CA THR C 6 20.88 5.53 -5.25
C THR C 6 19.93 6.60 -5.80
N GLN C 7 18.65 6.47 -5.48
CA GLN C 7 17.62 7.33 -6.02
C GLN C 7 17.24 8.43 -5.03
N SER C 8 17.04 9.64 -5.54
CA SER C 8 16.73 10.81 -4.71
C SER C 8 15.88 11.79 -5.51
N PRO C 9 15.00 12.55 -4.84
CA PRO C 9 14.64 12.46 -3.42
C PRO C 9 13.73 11.27 -3.17
N SER C 10 13.51 10.86 -1.92
CA SER C 10 12.56 9.79 -1.69
C SER C 10 11.12 10.25 -1.88
N SER C 11 10.85 11.53 -1.68
CA SER C 11 9.53 12.08 -1.89
C SER C 11 9.67 13.51 -2.37
N LEU C 12 8.68 13.93 -3.16
CA LEU C 12 8.60 15.25 -3.78
C LEU C 12 7.16 15.70 -3.68
N SER C 13 6.95 16.93 -3.25
CA SER C 13 5.65 17.58 -3.30
C SER C 13 5.72 18.67 -4.37
N ALA C 14 4.82 18.61 -5.35
CA ALA C 14 4.84 19.55 -6.44
C ALA C 14 3.41 19.93 -6.80
N SER C 15 3.25 21.13 -7.34
CA SER C 15 1.96 21.56 -7.85
C SER C 15 1.75 21.08 -9.28
N VAL C 16 0.49 20.90 -9.67
CA VAL C 16 0.20 20.55 -11.07
C VAL C 16 0.80 21.63 -11.97
N GLY C 17 1.47 21.20 -13.03
CA GLY C 17 2.15 22.11 -13.93
C GLY C 17 3.62 22.34 -13.60
N ASP C 18 4.09 21.91 -12.43
CA ASP C 18 5.49 22.08 -12.09
C ASP C 18 6.39 21.13 -12.88
N ARG C 19 7.65 21.53 -13.05
CA ARG C 19 8.71 20.66 -13.53
C ARG C 19 9.28 19.91 -12.34
N VAL C 20 9.50 18.61 -12.49
CA VAL C 20 10.25 17.88 -11.47
C VAL C 20 11.35 17.06 -12.11
N THR C 21 12.43 16.88 -11.33
CA THR C 21 13.58 16.09 -11.75
C THR C 21 13.88 15.09 -10.66
N ILE C 22 14.01 13.83 -11.06
CA ILE C 22 14.30 12.71 -10.17
C ILE C 22 15.65 12.14 -10.60
N THR C 23 16.51 11.86 -9.62
CA THR C 23 17.89 11.48 -9.90
C THR C 23 18.16 10.07 -9.40
N CYS C 24 18.97 9.34 -10.16
CA CYS C 24 19.39 7.98 -9.79
C CYS C 24 20.89 7.88 -10.07
N ARG C 25 21.70 7.58 -9.06
CA ARG C 25 23.14 7.59 -9.21
C ARG C 25 23.70 6.18 -9.05
N ALA C 26 24.32 5.67 -10.10
CA ALA C 26 24.88 4.33 -10.08
C ALA C 26 26.23 4.34 -9.40
N SER C 27 26.56 3.23 -8.73
CA SER C 27 27.83 3.10 -8.00
C SER C 27 28.97 2.58 -8.85
N GLN C 28 28.69 2.15 -10.09
CA GLN C 28 29.66 1.66 -11.06
C GLN C 28 29.10 2.02 -12.42
N SER C 29 29.91 1.87 -13.47
CA SER C 29 29.36 2.10 -14.79
C SER C 29 28.20 1.16 -15.07
N VAL C 30 27.12 1.72 -15.62
CA VAL C 30 26.02 0.93 -16.14
C VAL C 30 25.77 1.26 -17.60
N SER C 31 26.77 1.85 -18.27
CA SER C 31 26.63 2.35 -19.65
C SER C 31 25.34 3.17 -19.69
N SER C 32 24.45 2.95 -20.66
CA SER C 32 23.16 3.64 -20.66
C SER C 32 22.01 2.69 -20.36
N ALA C 33 22.27 1.57 -19.70
CA ALA C 33 21.27 0.53 -19.52
C ALA C 33 20.39 0.82 -18.29
N VAL C 34 19.70 1.94 -18.35
CA VAL C 34 18.89 2.42 -17.22
C VAL C 34 17.48 2.64 -17.71
N ALA C 35 16.51 2.10 -16.99
CA ALA C 35 15.10 2.25 -17.34
C ALA C 35 14.39 2.96 -16.20
N TRP C 36 13.31 3.68 -16.53
CA TRP C 36 12.47 4.35 -15.54
C TRP C 36 11.04 3.87 -15.65
N TYR C 37 10.41 3.64 -14.48
CA TYR C 37 9.04 3.13 -14.40
C TYR C 37 8.18 4.04 -13.54
N GLN C 38 6.89 4.03 -13.85
CA GLN C 38 5.87 4.68 -13.05
C GLN C 38 4.99 3.64 -12.39
N GLN C 39 4.63 3.85 -11.12
CA GLN C 39 3.74 2.89 -10.48
C GLN C 39 2.72 3.63 -9.64
N LYS C 40 1.45 3.27 -9.79
CA LYS C 40 0.38 3.82 -9.00
C LYS C 40 -0.11 2.78 -8.00
N PRO C 41 -0.76 3.21 -6.91
CA PRO C 41 -1.10 2.27 -5.84
C PRO C 41 -1.97 1.13 -6.32
N GLY C 42 -1.55 -0.10 -5.98
CA GLY C 42 -2.28 -1.30 -6.33
C GLY C 42 -2.10 -1.77 -7.75
N LYS C 43 -1.25 -1.10 -8.53
CA LYS C 43 -1.09 -1.36 -9.95
C LYS C 43 0.35 -1.79 -10.24
N ALA C 44 0.52 -2.47 -11.37
CA ALA C 44 1.85 -2.86 -11.80
C ALA C 44 2.63 -1.66 -12.33
N PRO C 45 3.96 -1.72 -12.28
CA PRO C 45 4.77 -0.65 -12.88
C PRO C 45 4.57 -0.58 -14.39
N LYS C 46 4.79 0.60 -14.93
CA LYS C 46 4.73 0.86 -16.37
C LYS C 46 6.04 1.48 -16.85
N LEU C 47 6.54 0.98 -17.98
CA LEU C 47 7.79 1.50 -18.54
C LEU C 47 7.60 2.89 -19.13
N LEU C 48 8.53 3.79 -18.81
CA LEU C 48 8.55 5.16 -19.32
C LEU C 48 9.71 5.43 -20.26
N ILE C 49 10.92 5.13 -19.81
CA ILE C 49 12.19 5.46 -20.47
C ILE C 49 13.02 4.20 -20.47
N TYR C 50 13.66 3.91 -21.61
CA TYR C 50 14.65 2.83 -21.67
C TYR C 50 15.96 3.36 -22.23
N SER C 51 17.05 2.64 -21.96
CA SER C 51 18.37 3.02 -22.46
C SER C 51 18.71 4.46 -22.10
N ALA C 52 18.32 4.83 -20.87
CA ALA C 52 18.58 6.10 -20.19
C ALA C 52 17.87 7.32 -20.75
N SER C 53 17.59 7.35 -22.07
CA SER C 53 17.07 8.59 -22.63
C SER C 53 16.05 8.35 -23.73
N SER C 54 15.66 7.12 -23.99
CA SER C 54 14.73 6.84 -25.07
C SER C 54 13.32 6.72 -24.49
N LEU C 55 12.38 7.40 -25.14
CA LEU C 55 11.00 7.40 -24.70
C LEU C 55 10.30 6.14 -25.18
N TYR C 56 9.73 5.37 -24.26
CA TYR C 56 9.02 4.15 -24.63
C TYR C 56 7.75 4.48 -25.43
N SER C 57 7.45 3.62 -26.40
CA SER C 57 6.32 3.89 -27.28
C SER C 57 5.04 4.16 -26.50
N GLY C 58 4.38 5.26 -26.84
CA GLY C 58 3.11 5.62 -26.26
C GLY C 58 3.20 6.49 -25.01
N VAL C 59 4.41 6.73 -24.52
CA VAL C 59 4.60 7.58 -23.34
C VAL C 59 4.61 9.04 -23.75
N PRO C 60 3.96 9.93 -22.99
CA PRO C 60 3.89 11.34 -23.39
C PRO C 60 5.26 12.00 -23.41
N SER C 61 5.39 12.98 -24.32
CA SER C 61 6.66 13.66 -24.57
C SER C 61 7.14 14.52 -23.40
N ARG C 62 6.27 14.84 -22.43
CA ARG C 62 6.73 15.58 -21.26
C ARG C 62 7.67 14.76 -20.36
N PHE C 63 7.76 13.44 -20.57
CA PHE C 63 8.74 12.63 -19.85
C PHE C 63 10.04 12.58 -20.63
N SER C 64 11.17 12.75 -19.95
CA SER C 64 12.46 12.64 -20.63
C SER C 64 13.48 12.08 -19.64
N GLY C 65 14.53 11.48 -20.18
CA GLY C 65 15.61 10.95 -19.37
C GLY C 65 16.95 11.39 -19.91
N SER C 66 17.91 11.55 -19.00
CA SER C 66 19.23 11.98 -19.40
C SER C 66 20.29 11.22 -18.60
N ARG C 67 21.45 11.04 -19.21
CA ARG C 67 22.63 10.44 -18.57
C ARG C 67 23.78 11.43 -18.53
N SER C 68 24.44 11.50 -17.38
CA SER C 68 25.71 12.22 -17.26
C SER C 68 26.65 11.29 -16.48
N GLY C 69 27.47 10.53 -17.21
CA GLY C 69 28.36 9.58 -16.57
C GLY C 69 27.60 8.44 -15.91
N THR C 70 27.65 8.35 -14.58
CA THR C 70 26.87 7.36 -13.86
C THR C 70 25.67 7.97 -13.14
N ASP C 71 25.34 9.22 -13.43
CA ASP C 71 24.16 9.88 -12.85
C ASP C 71 23.07 9.98 -13.91
N PHE C 72 21.86 9.62 -13.51
CA PHE C 72 20.72 9.52 -14.42
C PHE C 72 19.56 10.36 -13.90
N THR C 73 18.87 11.07 -14.80
CA THR C 73 17.74 11.87 -14.37
C THR C 73 16.51 11.54 -15.20
N LEU C 74 15.37 11.55 -14.52
CA LEU C 74 14.06 11.57 -15.16
C LEU C 74 13.44 12.94 -14.90
N THR C 75 12.97 13.58 -15.97
CA THR C 75 12.38 14.91 -15.89
C THR C 75 10.94 14.83 -16.42
N ILE C 76 10.02 15.44 -15.69
CA ILE C 76 8.66 15.65 -16.17
C ILE C 76 8.52 17.15 -16.34
N SER C 77 8.34 17.61 -17.59
CA SER C 77 8.44 19.04 -17.83
C SER C 77 7.29 19.83 -17.21
N SER C 78 6.10 19.22 -17.16
CA SER C 78 4.91 19.87 -16.61
C SER C 78 4.00 18.77 -16.09
N LEU C 79 3.92 18.63 -14.78
CA LEU C 79 3.10 17.58 -14.19
C LEU C 79 1.65 17.76 -14.54
N GLN C 80 1.01 16.68 -14.97
CA GLN C 80 -0.44 16.61 -15.09
C GLN C 80 -1.01 15.74 -13.97
N PRO C 81 -2.30 15.83 -13.67
CA PRO C 81 -2.83 15.10 -12.51
C PRO C 81 -2.56 13.61 -12.54
N GLU C 82 -2.62 12.98 -13.70
CA GLU C 82 -2.35 11.56 -13.79
C GLU C 82 -0.87 11.22 -13.56
N ASP C 83 0.02 12.19 -13.39
CA ASP C 83 1.45 11.92 -13.28
C ASP C 83 1.88 11.72 -11.83
N PHE C 84 1.03 12.04 -10.89
CA PHE C 84 1.39 11.87 -9.49
C PHE C 84 1.34 10.38 -9.15
N ALA C 85 2.49 9.85 -8.77
CA ALA C 85 2.73 8.41 -8.73
C ALA C 85 4.10 8.21 -8.09
N THR C 86 4.51 6.96 -7.97
CA THR C 86 5.87 6.63 -7.58
C THR C 86 6.67 6.25 -8.82
N TYR C 87 7.93 6.66 -8.85
CA TYR C 87 8.84 6.44 -9.97
C TYR C 87 10.07 5.67 -9.51
N TYR C 88 10.50 4.69 -10.32
CA TYR C 88 11.66 3.86 -9.99
C TYR C 88 12.63 3.86 -11.16
N CYS C 89 13.92 3.97 -10.87
CA CYS C 89 14.95 3.67 -11.87
C CYS C 89 15.38 2.21 -11.73
N GLN C 90 16.04 1.71 -12.77
CA GLN C 90 16.53 0.33 -12.77
C GLN C 90 17.79 0.25 -13.62
N GLN C 91 18.86 -0.36 -13.10
CA GLN C 91 20.00 -0.67 -13.97
C GLN C 91 19.88 -2.12 -14.44
N SER C 92 20.03 -2.32 -15.76
CA SER C 92 20.10 -3.66 -16.31
C SER C 92 21.38 -3.81 -17.12
N TYR C 93 22.46 -3.17 -16.68
CA TYR C 93 23.75 -3.35 -17.33
C TYR C 93 24.34 -4.72 -17.01
N SER C 94 24.26 -5.13 -15.75
CA SER C 94 24.75 -6.47 -15.43
C SER C 94 23.82 -7.07 -14.39
N PHE C 95 23.92 -8.39 -14.27
CA PHE C 95 23.19 -9.16 -13.26
C PHE C 95 24.00 -9.20 -11.98
N PRO C 96 23.35 -9.11 -10.82
CA PRO C 96 21.90 -8.96 -10.62
C PRO C 96 21.41 -7.54 -10.92
N SER C 97 20.17 -7.42 -11.41
CA SER C 97 19.59 -6.13 -11.70
C SER C 97 19.33 -5.39 -10.38
N THR C 98 19.26 -4.06 -10.46
CA THR C 98 19.03 -3.25 -9.27
C THR C 98 18.00 -2.18 -9.58
N PHE C 99 16.92 -2.13 -8.78
CA PHE C 99 16.00 -1.00 -8.77
C PHE C 99 16.43 0.04 -7.73
N GLY C 100 16.26 1.32 -8.07
CA GLY C 100 16.35 2.37 -7.07
C GLY C 100 15.22 2.27 -6.07
N GLN C 101 15.36 3.00 -4.95
CA GLN C 101 14.41 2.89 -3.85
C GLN C 101 13.08 3.59 -4.14
N GLY C 102 12.99 4.39 -5.19
CA GLY C 102 11.72 5.01 -5.53
C GLY C 102 11.62 6.46 -5.07
N THR C 103 10.84 7.23 -5.85
CA THR C 103 10.48 8.61 -5.52
C THR C 103 8.97 8.74 -5.62
N LYS C 104 8.32 9.09 -4.51
CA LYS C 104 6.88 9.32 -4.55
C LYS C 104 6.62 10.79 -4.82
N VAL C 105 5.92 11.09 -5.91
CA VAL C 105 5.59 12.45 -6.30
C VAL C 105 4.14 12.71 -5.90
N GLU C 106 3.93 13.64 -4.96
CA GLU C 106 2.61 13.91 -4.42
C GLU C 106 2.21 15.35 -4.71
N ILE C 107 0.91 15.65 -4.58
CA ILE C 107 0.36 16.93 -5.00
C ILE C 107 0.48 17.94 -3.86
N LYS C 108 1.08 19.08 -4.16
CA LYS C 108 1.14 20.18 -3.22
C LYS C 108 -0.18 20.95 -3.22
N ARG C 109 -0.62 21.36 -2.04
CA ARG C 109 -1.83 22.16 -1.89
C ARG C 109 -1.72 22.97 -0.60
N THR C 110 -2.75 23.78 -0.32
CA THR C 110 -2.71 24.61 0.88
C THR C 110 -2.93 23.76 2.13
N VAL C 111 -2.44 24.27 3.26
CA VAL C 111 -2.59 23.56 4.53
C VAL C 111 -4.07 23.37 4.85
N ALA C 112 -4.39 22.19 5.39
CA ALA C 112 -5.75 21.89 5.83
C ALA C 112 -5.64 21.15 7.15
N ALA C 113 -6.26 21.70 8.20
CA ALA C 113 -6.24 21.04 9.50
C ALA C 113 -7.11 19.79 9.48
N PRO C 114 -6.73 18.76 10.24
CA PRO C 114 -7.59 17.57 10.34
C PRO C 114 -8.83 17.84 11.15
N SER C 115 -9.93 17.18 10.76
CA SER C 115 -11.09 17.01 11.63
C SER C 115 -10.86 15.74 12.45
N VAL C 116 -10.98 15.84 13.77
CA VAL C 116 -10.61 14.76 14.67
C VAL C 116 -11.84 14.17 15.33
N PHE C 117 -11.89 12.83 15.39
CA PHE C 117 -12.97 12.07 15.99
C PHE C 117 -12.39 10.93 16.80
N ILE C 118 -12.96 10.66 17.98
CA ILE C 118 -12.51 9.55 18.82
C ILE C 118 -13.68 8.58 19.00
N PHE C 119 -13.38 7.28 18.89
CA PHE C 119 -14.38 6.23 19.00
C PHE C 119 -14.07 5.30 20.17
N PRO C 120 -14.95 5.19 21.15
CA PRO C 120 -14.77 4.18 22.20
C PRO C 120 -14.85 2.78 21.60
N PRO C 121 -14.29 1.79 22.29
CA PRO C 121 -14.56 0.40 21.91
C PRO C 121 -16.05 0.09 22.00
N SER C 122 -16.49 -0.78 21.10
CA SER C 122 -17.88 -1.22 21.10
C SER C 122 -18.13 -2.15 22.28
N ASP C 123 -19.37 -2.14 22.77
CA ASP C 123 -19.73 -3.10 23.82
C ASP C 123 -19.51 -4.53 23.34
N GLU C 124 -19.78 -4.78 22.05
CA GLU C 124 -19.59 -6.12 21.52
C GLU C 124 -18.13 -6.58 21.66
N GLN C 125 -17.18 -5.73 21.26
CA GLN C 125 -15.77 -6.10 21.37
C GLN C 125 -15.38 -6.33 22.82
N LEU C 126 -15.86 -5.46 23.71
CA LEU C 126 -15.49 -5.56 25.12
C LEU C 126 -15.84 -6.92 25.70
N LYS C 127 -17.00 -7.48 25.32
CA LYS C 127 -17.40 -8.78 25.83
C LYS C 127 -16.32 -9.84 25.60
N SER C 128 -15.53 -9.69 24.55
CA SER C 128 -14.49 -10.67 24.22
C SER C 128 -13.16 -10.38 24.89
N GLY C 129 -13.03 -9.29 25.64
CA GLY C 129 -11.88 -9.08 26.49
C GLY C 129 -10.83 -8.09 26.00
N THR C 130 -11.05 -7.44 24.87
CA THR C 130 -10.11 -6.45 24.34
C THR C 130 -10.84 -5.16 24.05
N ALA C 131 -10.15 -4.04 24.25
CA ALA C 131 -10.66 -2.70 23.93
C ALA C 131 -9.80 -2.08 22.85
N SER C 132 -10.40 -1.76 21.71
CA SER C 132 -9.76 -0.95 20.68
C SER C 132 -10.37 0.44 20.71
N VAL C 133 -9.54 1.46 20.91
CA VAL C 133 -9.96 2.85 20.87
C VAL C 133 -9.40 3.45 19.60
N VAL C 134 -10.23 4.11 18.81
CA VAL C 134 -9.84 4.57 17.48
C VAL C 134 -9.92 6.08 17.43
N CYS C 135 -8.88 6.71 16.88
CA CYS C 135 -8.85 8.14 16.64
C CYS C 135 -8.71 8.38 15.15
N LEU C 136 -9.60 9.18 14.59
CA LEU C 136 -9.62 9.50 13.17
C LEU C 136 -9.19 10.93 12.95
N LEU C 137 -8.21 11.15 12.07
CA LEU C 137 -7.80 12.48 11.62
C LEU C 137 -8.22 12.54 10.15
N ASN C 138 -9.23 13.37 9.85
CA ASN C 138 -9.87 13.34 8.54
C ASN C 138 -9.44 14.52 7.69
N ASN C 139 -9.00 14.22 6.46
CA ASN C 139 -8.85 15.18 5.36
C ASN C 139 -7.95 16.36 5.72
N PHE C 140 -6.67 16.06 5.94
CA PHE C 140 -5.71 17.10 6.31
C PHE C 140 -4.56 17.16 5.30
N TYR C 141 -3.83 18.27 5.35
CA TYR C 141 -2.66 18.46 4.53
C TYR C 141 -1.72 19.45 5.22
N PRO C 142 -0.40 19.20 5.23
CA PRO C 142 0.32 18.04 4.67
C PRO C 142 0.19 16.79 5.52
N ARG C 143 0.84 15.72 5.06
CA ARG C 143 0.70 14.40 5.63
C ARG C 143 1.23 14.32 7.07
N GLU C 144 2.19 15.17 7.42
CA GLU C 144 2.86 15.07 8.71
C GLU C 144 1.89 15.42 9.84
N ALA C 145 1.75 14.50 10.79
CA ALA C 145 0.82 14.70 11.90
C ALA C 145 1.28 13.85 13.06
N LYS C 146 1.00 14.31 14.27
CA LYS C 146 1.38 13.58 15.48
C LYS C 146 0.14 13.30 16.29
N VAL C 147 -0.09 12.02 16.61
CA VAL C 147 -1.19 11.58 17.46
C VAL C 147 -0.60 11.06 18.75
N GLN C 148 -1.12 11.54 19.88
CA GLN C 148 -0.72 11.07 21.19
C GLN C 148 -1.96 10.61 21.94
N TRP C 149 -1.87 9.43 22.54
CA TRP C 149 -2.96 8.88 23.34
C TRP C 149 -2.68 9.18 24.81
N LYS C 150 -3.71 9.61 25.53
CA LYS C 150 -3.61 9.79 26.97
C LYS C 150 -4.75 9.07 27.65
N VAL C 151 -4.45 8.43 28.78
CA VAL C 151 -5.42 7.65 29.53
C VAL C 151 -5.37 8.21 30.95
N ASP C 152 -6.46 8.85 31.39
CA ASP C 152 -6.45 9.63 32.63
C ASP C 152 -5.20 10.51 32.71
N ASN C 153 -4.92 11.19 31.60
CA ASN C 153 -3.83 12.15 31.43
C ASN C 153 -2.45 11.52 31.52
N ALA C 154 -2.34 10.22 31.33
CA ALA C 154 -1.04 9.55 31.25
C ALA C 154 -0.73 9.25 29.80
N LEU C 155 0.44 9.70 29.34
CA LEU C 155 0.82 9.54 27.94
C LEU C 155 1.12 8.08 27.64
N GLN C 156 0.48 7.54 26.59
CA GLN C 156 0.69 6.16 26.20
C GLN C 156 1.86 6.06 25.23
N SER C 157 2.51 4.90 25.23
CA SER C 157 3.59 4.62 24.28
C SER C 157 3.65 3.12 23.99
N GLY C 158 3.74 2.77 22.71
CA GLY C 158 3.98 1.40 22.34
C GLY C 158 2.74 0.54 22.13
N ASN C 159 1.55 1.05 22.46
CA ASN C 159 0.31 0.28 22.40
C ASN C 159 -0.65 0.86 21.39
N SER C 160 -0.13 1.57 20.39
CA SER C 160 -0.97 2.10 19.32
C SER C 160 -0.33 1.80 17.97
N GLN C 161 -1.17 1.74 16.94
CA GLN C 161 -0.70 1.60 15.58
C GLN C 161 -1.50 2.55 14.71
N GLU C 162 -0.88 3.07 13.67
CA GLU C 162 -1.63 3.95 12.79
C GLU C 162 -1.39 3.60 11.34
N SER C 163 -2.30 4.08 10.50
CA SER C 163 -2.06 4.02 9.07
C SER C 163 -2.71 5.21 8.41
N VAL C 164 -2.26 5.49 7.18
CA VAL C 164 -2.61 6.71 6.48
C VAL C 164 -3.09 6.34 5.08
N THR C 165 -4.13 7.03 4.61
CA THR C 165 -4.60 6.79 3.25
C THR C 165 -3.66 7.42 2.24
N GLU C 166 -3.79 6.94 0.99
CA GLU C 166 -3.16 7.64 -0.13
C GLU C 166 -3.85 8.97 -0.35
N GLN C 167 -3.13 9.91 -0.95
CA GLN C 167 -3.66 11.24 -1.15
C GLN C 167 -4.95 11.19 -1.95
N ASP C 168 -5.98 11.86 -1.44
CA ASP C 168 -7.30 11.80 -2.08
C ASP C 168 -7.27 12.40 -3.48
N SER C 169 -7.91 11.73 -4.44
CA SER C 169 -7.87 12.19 -5.83
C SER C 169 -8.64 13.49 -6.05
N LYS C 170 -9.60 13.82 -5.17
CA LYS C 170 -10.41 15.01 -5.36
C LYS C 170 -9.84 16.24 -4.66
N ASP C 171 -9.48 16.11 -3.37
CA ASP C 171 -9.07 17.28 -2.61
C ASP C 171 -7.62 17.24 -2.15
N SER C 172 -6.88 16.18 -2.51
CA SER C 172 -5.45 16.06 -2.27
C SER C 172 -5.10 16.01 -0.78
N THR C 173 -6.05 15.65 0.07
CA THR C 173 -5.76 15.53 1.49
C THR C 173 -5.42 14.08 1.86
N TYR C 174 -4.97 13.92 3.11
CA TYR C 174 -4.70 12.63 3.72
C TYR C 174 -5.67 12.42 4.89
N SER C 175 -5.87 11.16 5.24
CA SER C 175 -6.57 10.84 6.48
C SER C 175 -5.75 9.80 7.23
N LEU C 176 -5.92 9.76 8.55
CA LEU C 176 -5.10 8.89 9.38
C LEU C 176 -5.98 8.28 10.45
N SER C 177 -5.75 6.99 10.74
CA SER C 177 -6.42 6.36 11.87
C SER C 177 -5.36 5.84 12.81
N SER C 178 -5.60 6.00 14.11
CA SER C 178 -4.72 5.47 15.13
C SER C 178 -5.56 4.59 16.04
N THR C 179 -5.06 3.41 16.38
CA THR C 179 -5.81 2.48 17.21
C THR C 179 -4.98 2.17 18.45
N LEU C 180 -5.58 2.40 19.60
CA LEU C 180 -4.99 2.11 20.90
C LEU C 180 -5.60 0.81 21.38
N THR C 181 -4.76 -0.14 21.76
CA THR C 181 -5.24 -1.46 22.16
C THR C 181 -4.95 -1.72 23.63
N LEU C 182 -5.99 -2.06 24.39
CA LEU C 182 -5.88 -2.38 25.81
C LEU C 182 -6.67 -3.66 26.10
N SER C 183 -6.27 -4.35 27.16
CA SER C 183 -7.14 -5.39 27.70
C SER C 183 -8.37 -4.74 28.32
N LYS C 184 -9.47 -5.49 28.36
CA LYS C 184 -10.68 -5.00 29.00
C LYS C 184 -10.44 -4.63 30.46
N ALA C 185 -9.71 -5.48 31.17
CA ALA C 185 -9.40 -5.18 32.57
C ALA C 185 -8.64 -3.87 32.71
N ASP C 186 -7.64 -3.65 31.86
CA ASP C 186 -6.91 -2.39 31.90
C ASP C 186 -7.80 -1.22 31.49
N TYR C 187 -8.66 -1.43 30.48
CA TYR C 187 -9.54 -0.36 30.04
C TYR C 187 -10.44 0.11 31.19
N GLU C 188 -10.96 -0.83 31.98
CA GLU C 188 -11.89 -0.49 33.04
C GLU C 188 -11.22 0.20 34.23
N LYS C 189 -9.90 0.29 34.25
CA LYS C 189 -9.18 0.96 35.34
C LYS C 189 -9.21 2.47 35.24
N HIS C 190 -9.64 3.02 34.10
CA HIS C 190 -9.46 4.44 33.85
C HIS C 190 -10.72 5.01 33.23
N LYS C 191 -10.85 6.33 33.37
CA LYS C 191 -12.06 7.04 32.95
C LYS C 191 -11.88 7.82 31.65
N VAL C 192 -10.87 8.69 31.55
CA VAL C 192 -10.76 9.63 30.44
C VAL C 192 -9.82 9.06 29.39
N TYR C 193 -10.33 8.89 28.18
CA TYR C 193 -9.55 8.44 27.03
C TYR C 193 -9.47 9.60 26.04
N ALA C 194 -8.25 10.00 25.69
CA ALA C 194 -8.05 11.21 24.91
C ALA C 194 -7.07 10.97 23.77
N CYS C 195 -7.39 11.56 22.61
CA CYS C 195 -6.52 11.60 21.45
C CYS C 195 -6.10 13.05 21.23
N GLU C 196 -4.80 13.33 21.34
CA GLU C 196 -4.27 14.69 21.16
C GLU C 196 -3.51 14.77 19.85
N VAL C 197 -3.90 15.73 19.01
CA VAL C 197 -3.42 15.79 17.63
C VAL C 197 -2.66 17.09 17.42
N THR C 198 -1.44 16.96 16.89
CA THR C 198 -0.62 18.10 16.50
C THR C 198 -0.50 18.12 14.97
N HIS C 199 -0.73 19.28 14.38
CA HIS C 199 -0.63 19.42 12.93
C HIS C 199 -0.37 20.88 12.58
N GLN C 200 0.31 21.08 11.44
CA GLN C 200 0.68 22.43 11.01
C GLN C 200 -0.54 23.34 10.88
N GLY C 201 -1.71 22.79 10.57
CA GLY C 201 -2.91 23.58 10.42
C GLY C 201 -3.63 23.92 11.70
N LEU C 202 -3.12 23.46 12.84
CA LEU C 202 -3.69 23.74 14.15
C LEU C 202 -2.69 24.62 14.91
N SER C 203 -3.15 25.80 15.33
CA SER C 203 -2.27 26.71 16.06
C SER C 203 -1.84 26.12 17.40
N SER C 204 -2.65 25.25 17.98
CA SER C 204 -2.30 24.49 19.18
C SER C 204 -2.96 23.13 19.08
N PRO C 205 -2.43 22.12 19.77
CA PRO C 205 -2.96 20.76 19.60
C PRO C 205 -4.43 20.67 19.95
N VAL C 206 -5.14 19.81 19.21
CA VAL C 206 -6.56 19.52 19.46
C VAL C 206 -6.66 18.20 20.19
N THR C 207 -7.49 18.15 21.22
CA THR C 207 -7.74 16.93 21.96
C THR C 207 -9.21 16.57 21.87
N LYS C 208 -9.49 15.33 21.47
CA LYS C 208 -10.83 14.77 21.54
C LYS C 208 -10.84 13.65 22.56
N SER C 209 -11.88 13.61 23.40
CA SER C 209 -11.86 12.63 24.47
C SER C 209 -13.27 12.14 24.75
N PHE C 210 -13.34 11.05 25.52
CA PHE C 210 -14.59 10.56 26.05
C PHE C 210 -14.36 10.02 27.45
N ASN C 211 -15.43 9.97 28.23
CA ASN C 211 -15.43 9.33 29.53
C ASN C 211 -15.97 7.91 29.37
N ARG C 212 -15.20 6.93 29.84
CA ARG C 212 -15.59 5.53 29.68
C ARG C 212 -17.00 5.30 30.22
N GLY C 213 -17.89 4.81 29.36
CA GLY C 213 -19.25 4.50 29.76
C GLY C 213 -20.26 5.60 29.56
N GLU C 214 -19.84 6.81 29.20
CA GLU C 214 -20.81 7.86 28.96
C GLU C 214 -21.47 7.67 27.59
N CYS C 215 -22.62 8.31 27.43
CA CYS C 215 -23.38 8.15 26.19
C CYS C 215 -22.61 8.68 24.98
#